data_1I5P
#
_entry.id   1I5P
#
_cell.length_a   85.600
_cell.length_b   85.600
_cell.length_c   163.900
_cell.angle_alpha   90.00
_cell.angle_beta   90.00
_cell.angle_gamma   90.00
#
_symmetry.space_group_name_H-M   'P 43 21 2'
#
loop_
_entity.id
_entity.type
_entity.pdbx_description
1 polymer 'PESTICIDIAL CRYSTAL PROTEIN CRY2AA'
2 water water
#
_entity_poly.entity_id   1
_entity_poly.type   'polypeptide(L)'
_entity_poly.pdbx_seq_one_letter_code
;MNNVLNSGRTTICDAYNVVAHDPFSFEHKSLDTIQKEWMEWKRTDHSLYVAPVVGTVSSFLLKKVGSLIGKRILSELWGI
IFPSGSTNLMQDILRETEQFLNQRLNTDTLARVNAELIGLQANIREFNQQVDNFLNPTQNPVPLSITSSVNTMQQLFLNR
LPQFQIQGYQLLLLPLFAQAANMHLSFIRDVILNADEWGISAATLRTYRDYLRNYTRDYSNYCINTYQTAFRGLNTRLHD
MLEFRTYMFLNVFEYVSIWSLFKYQSLMVSSGANLYASGSGPQQTQSFTAQNWPFLYSLFQVNSNYILSGISGTRLSITF
PNIGGLPGSTTTHSLNSARVNYSGGVSSGLIGATNLNHNFNCSTVLPPLSTPFVRSWLDSGTDREGVATSTNWQTESFQT
TLSLRCGAFSARGNSNYFPDYFIRNISGVPLVIRNEDLTRPLHYNQIRNIESPSGTPGGARAYLVSVHNRKNNIYAANEN
GTMIHLAPEDYTGFTISPIHATQVNNQTRTFISEKFGNQGDSLRFEQSNTTARYTLRGNGNSYNLYLRVSSIGNSTIRVT
INGRVYTVSNVNTTTNNDGVNDNGARFSDINIGNIVASDNTNVTLDINVTLNSGTPFDLMNIMFVPTNLPPLY
;
_entity_poly.pdbx_strand_id   A
#
# COMPACT_ATOMS: atom_id res chain seq x y z
N MET A 1 8.42 -26.02 -10.41
CA MET A 1 8.41 -25.71 -8.95
C MET A 1 7.26 -24.76 -8.64
N ASN A 2 7.11 -24.40 -7.37
CA ASN A 2 6.05 -23.49 -6.94
C ASN A 2 6.62 -22.20 -6.35
N ASN A 3 6.22 -21.89 -5.11
CA ASN A 3 6.69 -20.68 -4.44
C ASN A 3 8.22 -20.62 -4.42
N VAL A 4 8.86 -21.77 -4.60
CA VAL A 4 10.31 -21.82 -4.64
C VAL A 4 10.79 -21.32 -6.00
N LEU A 5 10.19 -20.22 -6.46
CA LEU A 5 10.54 -19.63 -7.74
C LEU A 5 11.97 -19.12 -7.67
N ASN A 6 12.82 -19.69 -8.52
CA ASN A 6 14.27 -19.43 -8.58
C ASN A 6 14.90 -18.16 -9.20
N SER A 7 16.03 -17.76 -8.61
CA SER A 7 16.87 -16.61 -9.00
C SER A 7 18.04 -16.60 -8.02
N GLY A 8 19.08 -15.80 -8.28
CA GLY A 8 20.20 -15.75 -7.35
C GLY A 8 21.48 -15.07 -7.83
N ARG A 9 22.26 -14.53 -6.88
CA ARG A 9 23.51 -13.85 -7.21
C ARG A 9 24.76 -14.68 -6.86
N THR A 10 24.81 -15.25 -5.65
CA THR A 10 25.95 -16.09 -5.25
C THR A 10 26.03 -16.53 -3.77
N THR A 11 25.90 -15.59 -2.85
CA THR A 11 26.00 -15.89 -1.41
C THR A 11 25.25 -17.15 -0.97
N ILE A 12 25.97 -18.06 -0.31
CA ILE A 12 25.41 -19.33 0.14
C ILE A 12 24.74 -19.25 1.53
N CYS A 13 23.81 -20.17 1.79
CA CYS A 13 23.11 -20.22 3.06
C CYS A 13 22.23 -21.47 3.17
N ASP A 14 22.30 -22.31 2.14
CA ASP A 14 21.56 -23.56 2.06
C ASP A 14 20.05 -23.46 2.24
N ALA A 15 19.33 -24.32 1.52
CA ALA A 15 17.87 -24.36 1.57
C ALA A 15 17.39 -24.85 2.93
N TYR A 16 18.13 -25.78 3.52
CA TYR A 16 17.79 -26.30 4.83
C TYR A 16 18.04 -25.21 5.88
N ASN A 17 17.22 -24.15 5.82
CA ASN A 17 17.32 -23.02 6.73
C ASN A 17 16.35 -21.90 6.31
N VAL A 18 15.94 -21.95 5.04
CA VAL A 18 15.02 -20.95 4.46
C VAL A 18 14.34 -21.49 3.19
N VAL A 19 14.36 -22.81 3.02
CA VAL A 19 13.77 -23.43 1.84
C VAL A 19 12.26 -23.17 1.68
N ALA A 20 11.57 -23.04 2.81
CA ALA A 20 10.12 -22.78 2.79
C ALA A 20 9.72 -21.35 3.16
N HIS A 21 8.80 -20.80 2.38
CA HIS A 21 8.29 -19.44 2.59
C HIS A 21 6.76 -19.54 2.63
N ASP A 22 6.13 -18.90 3.61
CA ASP A 22 4.68 -18.94 3.73
C ASP A 22 4.03 -17.76 2.99
N PRO A 23 3.36 -18.04 1.85
CA PRO A 23 2.69 -17.00 1.06
C PRO A 23 1.49 -16.36 1.77
N PHE A 24 1.14 -16.90 2.93
CA PHE A 24 0.04 -16.39 3.74
C PHE A 24 0.52 -16.12 5.16
N SER A 25 1.79 -15.74 5.31
CA SER A 25 2.34 -15.48 6.63
C SER A 25 1.52 -14.47 7.44
N PHE A 26 1.12 -13.37 6.81
CA PHE A 26 0.32 -12.36 7.48
C PHE A 26 -0.99 -12.97 7.99
N GLU A 27 -1.68 -13.68 7.11
CA GLU A 27 -2.94 -14.30 7.49
C GLU A 27 -2.77 -15.34 8.60
N HIS A 28 -1.60 -16.00 8.63
CA HIS A 28 -1.33 -17.03 9.63
C HIS A 28 -0.82 -16.48 10.95
N LYS A 29 -0.55 -15.18 10.97
CA LYS A 29 -0.03 -14.52 12.15
C LYS A 29 -1.16 -14.05 13.06
N SER A 30 -0.93 -14.15 14.37
CA SER A 30 -1.93 -13.70 15.35
C SER A 30 -1.77 -12.19 15.48
N LEU A 31 -2.79 -11.52 15.99
CA LEU A 31 -2.71 -10.08 16.15
C LEU A 31 -1.63 -9.72 17.18
N ASP A 32 -1.51 -10.52 18.22
CA ASP A 32 -0.50 -10.26 19.25
C ASP A 32 0.89 -10.27 18.65
N THR A 33 1.16 -11.23 17.76
CA THR A 33 2.46 -11.32 17.10
C THR A 33 2.67 -10.07 16.24
N ILE A 34 1.65 -9.69 15.50
CA ILE A 34 1.73 -8.52 14.64
C ILE A 34 1.96 -7.25 15.46
N GLN A 35 1.23 -7.13 16.56
CA GLN A 35 1.39 -5.97 17.43
C GLN A 35 2.83 -5.91 17.96
N LYS A 36 3.39 -7.06 18.35
CA LYS A 36 4.78 -7.10 18.83
C LYS A 36 5.77 -6.71 17.74
N GLU A 37 5.52 -7.16 16.52
CA GLU A 37 6.43 -6.84 15.43
C GLU A 37 6.45 -5.34 15.15
N TRP A 38 5.27 -4.72 15.18
CA TRP A 38 5.21 -3.28 14.93
C TRP A 38 5.86 -2.52 16.08
N MET A 39 5.67 -3.02 17.30
CA MET A 39 6.28 -2.39 18.48
C MET A 39 7.79 -2.49 18.36
N GLU A 40 8.29 -3.65 17.95
CA GLU A 40 9.73 -3.83 17.81
C GLU A 40 10.25 -2.96 16.68
N TRP A 41 9.47 -2.88 15.61
CA TRP A 41 9.83 -2.07 14.46
C TRP A 41 10.04 -0.64 14.95
N LYS A 42 9.10 -0.15 15.76
CA LYS A 42 9.18 1.20 16.28
C LYS A 42 10.47 1.44 17.07
N ARG A 43 10.79 0.49 17.93
CA ARG A 43 11.96 0.57 18.78
C ARG A 43 13.31 0.54 18.08
N THR A 44 13.46 -0.36 17.11
CA THR A 44 14.72 -0.54 16.41
C THR A 44 14.84 -0.06 14.98
N ASP A 45 13.71 0.13 14.30
CA ASP A 45 13.80 0.55 12.91
C ASP A 45 13.47 1.98 12.61
N HIS A 46 13.65 2.33 11.34
CA HIS A 46 13.38 3.67 10.89
C HIS A 46 11.88 3.83 10.72
N SER A 47 11.23 4.32 11.77
CA SER A 47 9.81 4.58 11.71
C SER A 47 9.83 6.00 11.20
N LEU A 48 8.75 6.50 10.65
CA LEU A 48 8.79 7.88 10.16
C LEU A 48 8.09 8.71 11.20
N TYR A 49 8.31 8.38 12.47
CA TYR A 49 7.65 9.03 13.60
C TYR A 49 6.23 8.48 13.55
N VAL A 50 6.07 7.39 12.80
CA VAL A 50 4.78 6.74 12.68
C VAL A 50 4.53 5.94 13.95
N ALA A 51 3.34 6.10 14.51
CA ALA A 51 2.97 5.38 15.73
C ALA A 51 2.66 3.95 15.31
N PRO A 52 3.37 2.97 15.89
CA PRO A 52 3.17 1.56 15.56
C PRO A 52 1.73 1.06 15.64
N VAL A 53 0.91 1.66 16.52
CA VAL A 53 -0.48 1.23 16.63
C VAL A 53 -1.23 1.31 15.29
N VAL A 54 -0.83 2.25 14.42
CA VAL A 54 -1.52 2.38 13.14
C VAL A 54 -1.36 1.09 12.35
N GLY A 55 -0.19 0.47 12.47
CA GLY A 55 0.07 -0.77 11.78
C GLY A 55 -0.76 -1.91 12.35
N THR A 56 -0.90 -1.93 13.66
CA THR A 56 -1.69 -2.95 14.32
C THR A 56 -3.17 -2.82 13.93
N VAL A 57 -3.68 -1.59 13.99
CA VAL A 57 -5.08 -1.36 13.65
C VAL A 57 -5.40 -1.74 12.21
N SER A 58 -4.55 -1.33 11.28
CA SER A 58 -4.79 -1.66 9.88
C SER A 58 -4.75 -3.17 9.69
N SER A 59 -3.77 -3.82 10.30
CA SER A 59 -3.65 -5.27 10.19
C SER A 59 -4.91 -5.91 10.75
N PHE A 60 -5.37 -5.37 11.87
CA PHE A 60 -6.59 -5.84 12.53
C PHE A 60 -7.81 -5.71 11.61
N LEU A 61 -7.98 -4.54 10.99
CA LEU A 61 -9.12 -4.34 10.11
C LEU A 61 -9.05 -5.27 8.90
N LEU A 62 -7.85 -5.43 8.35
CA LEU A 62 -7.66 -6.32 7.21
C LEU A 62 -8.12 -7.74 7.57
N LYS A 63 -7.81 -8.19 8.78
CA LYS A 63 -8.20 -9.52 9.24
C LYS A 63 -9.69 -9.65 9.52
N LYS A 64 -10.34 -8.56 9.94
CA LYS A 64 -11.77 -8.59 10.20
C LYS A 64 -12.53 -8.77 8.89
N VAL A 65 -12.11 -8.02 7.88
CA VAL A 65 -12.72 -8.06 6.56
C VAL A 65 -12.35 -9.36 5.85
N GLY A 66 -11.15 -9.85 6.16
CA GLY A 66 -10.64 -11.06 5.53
C GLY A 66 -11.24 -12.37 6.04
N SER A 67 -12.10 -12.29 7.05
CA SER A 67 -12.71 -13.48 7.61
C SER A 67 -14.17 -13.29 8.01
N LEU A 68 -15.02 -14.23 7.63
CA LEU A 68 -16.44 -14.14 7.94
C LEU A 68 -16.69 -14.05 9.44
N ILE A 69 -15.73 -14.51 10.22
CA ILE A 69 -15.86 -14.47 11.68
C ILE A 69 -15.80 -13.04 12.23
N GLY A 70 -15.30 -12.11 11.42
CA GLY A 70 -15.18 -10.73 11.86
C GLY A 70 -16.47 -9.92 11.79
N LYS A 71 -17.52 -10.43 12.44
CA LYS A 71 -18.83 -9.80 12.46
C LYS A 71 -18.85 -8.54 13.33
N ARG A 72 -18.03 -8.51 14.37
CA ARG A 72 -18.01 -7.38 15.28
C ARG A 72 -16.59 -6.81 15.40
N ILE A 73 -16.46 -5.54 15.05
CA ILE A 73 -15.16 -4.87 15.08
C ILE A 73 -14.95 -3.91 16.24
N LEU A 74 -15.92 -3.03 16.47
CA LEU A 74 -15.80 -1.99 17.50
C LEU A 74 -15.25 -2.36 18.88
N SER A 75 -15.69 -3.47 19.46
CA SER A 75 -15.20 -3.83 20.78
C SER A 75 -13.71 -4.11 20.81
N GLU A 76 -13.22 -4.93 19.89
CA GLU A 76 -11.80 -5.23 19.87
C GLU A 76 -10.99 -4.03 19.38
N LEU A 77 -11.55 -3.27 18.45
CA LEU A 77 -10.86 -2.10 17.94
C LEU A 77 -10.56 -1.14 19.10
N TRP A 78 -11.58 -0.90 19.92
CA TRP A 78 -11.47 -0.02 21.07
C TRP A 78 -10.32 -0.48 21.97
N GLY A 79 -10.20 -1.80 22.13
CA GLY A 79 -9.16 -2.37 22.97
C GLY A 79 -7.75 -2.19 22.44
N ILE A 80 -7.63 -1.89 21.15
CA ILE A 80 -6.33 -1.69 20.53
C ILE A 80 -5.93 -0.22 20.51
N ILE A 81 -6.84 0.62 20.01
CA ILE A 81 -6.58 2.05 19.91
C ILE A 81 -6.70 2.80 21.25
N PHE A 82 -7.44 2.21 22.18
CA PHE A 82 -7.62 2.78 23.52
C PHE A 82 -7.30 1.66 24.52
N PRO A 83 -6.04 1.22 24.58
CA PRO A 83 -5.64 0.15 25.50
C PRO A 83 -6.06 0.40 26.94
N SER A 84 -7.02 -0.41 27.40
CA SER A 84 -7.57 -0.34 28.75
C SER A 84 -8.18 1.02 29.03
N GLY A 85 -8.68 1.66 27.98
CA GLY A 85 -9.31 2.95 28.15
C GLY A 85 -8.38 4.14 28.09
N SER A 86 -7.08 3.88 27.87
CA SER A 86 -6.11 4.96 27.80
C SER A 86 -6.08 5.67 26.46
N THR A 87 -5.91 7.00 26.50
CA THR A 87 -5.86 7.81 25.30
C THR A 87 -4.43 8.10 24.88
N ASN A 88 -3.47 7.47 25.56
CA ASN A 88 -2.07 7.73 25.26
C ASN A 88 -1.61 7.43 23.82
N LEU A 89 -2.13 6.37 23.21
CA LEU A 89 -1.73 6.05 21.84
C LEU A 89 -2.26 7.09 20.84
N MET A 90 -3.46 7.59 21.10
CA MET A 90 -4.02 8.62 20.23
C MET A 90 -3.25 9.91 20.46
N GLN A 91 -2.93 10.19 21.72
CA GLN A 91 -2.20 11.42 22.03
C GLN A 91 -0.83 11.37 21.36
N ASP A 92 -0.21 10.19 21.34
CA ASP A 92 1.10 10.03 20.72
C ASP A 92 1.04 10.19 19.21
N ILE A 93 -0.04 9.72 18.60
CA ILE A 93 -0.20 9.84 17.16
C ILE A 93 -0.18 11.33 16.80
N LEU A 94 -0.94 12.11 17.56
CA LEU A 94 -0.99 13.56 17.34
C LEU A 94 0.36 14.20 17.53
N ARG A 95 1.03 13.84 18.61
CA ARG A 95 2.32 14.44 18.89
C ARG A 95 3.42 14.03 17.92
N GLU A 96 3.41 12.78 17.48
CA GLU A 96 4.42 12.36 16.52
C GLU A 96 4.11 12.96 15.16
N THR A 97 2.83 13.23 14.91
CA THR A 97 2.43 13.83 13.65
C THR A 97 2.89 15.28 13.67
N GLU A 98 2.78 15.92 14.84
CA GLU A 98 3.22 17.31 15.00
C GLU A 98 4.72 17.38 14.74
N GLN A 99 5.46 16.42 15.27
CA GLN A 99 6.89 16.40 15.09
C GLN A 99 7.25 16.12 13.62
N PHE A 100 6.53 15.20 12.99
CA PHE A 100 6.79 14.86 11.60
C PHE A 100 6.53 16.02 10.65
N LEU A 101 5.40 16.69 10.80
CA LEU A 101 5.04 17.81 9.93
C LEU A 101 5.63 19.14 10.35
N ASN A 102 6.13 19.20 11.58
CA ASN A 102 6.68 20.42 12.15
C ASN A 102 5.54 21.42 12.26
N GLN A 103 4.35 20.93 12.60
CA GLN A 103 3.17 21.76 12.79
C GLN A 103 2.62 21.47 14.18
N ARG A 104 2.07 22.50 14.80
CA ARG A 104 1.51 22.34 16.14
C ARG A 104 0.12 22.94 16.23
N LEU A 105 -0.72 22.32 17.05
CA LEU A 105 -2.08 22.81 17.24
C LEU A 105 -1.97 23.97 18.22
N ASN A 106 -2.93 24.89 18.19
CA ASN A 106 -2.87 25.98 19.15
C ASN A 106 -3.39 25.37 20.46
N THR A 107 -3.23 26.10 21.56
CA THR A 107 -3.65 25.60 22.86
C THR A 107 -5.13 25.24 22.96
N ASP A 108 -5.99 26.02 22.31
CA ASP A 108 -7.44 25.76 22.35
C ASP A 108 -7.83 24.45 21.68
N THR A 109 -7.33 24.22 20.47
CA THR A 109 -7.66 23.01 19.75
C THR A 109 -7.09 21.79 20.49
N LEU A 110 -5.87 21.93 20.99
CA LEU A 110 -5.24 20.85 21.73
C LEU A 110 -6.15 20.39 22.86
N ALA A 111 -6.59 21.35 23.67
CA ALA A 111 -7.47 21.04 24.79
C ALA A 111 -8.75 20.36 24.31
N ARG A 112 -9.39 20.90 23.29
CA ARG A 112 -10.63 20.31 22.80
C ARG A 112 -10.42 18.90 22.23
N VAL A 113 -9.35 18.73 21.46
CA VAL A 113 -9.04 17.42 20.88
C VAL A 113 -8.89 16.42 22.01
N ASN A 114 -8.12 16.78 23.03
CA ASN A 114 -7.91 15.90 24.18
C ASN A 114 -9.21 15.53 24.90
N ALA A 115 -10.13 16.48 24.99
CA ALA A 115 -11.40 16.22 25.64
C ALA A 115 -12.22 15.27 24.77
N GLU A 116 -12.12 15.45 23.46
CA GLU A 116 -12.83 14.61 22.52
C GLU A 116 -12.28 13.19 22.51
N LEU A 117 -10.99 13.04 22.74
CA LEU A 117 -10.39 11.70 22.76
C LEU A 117 -10.93 10.95 23.97
N ILE A 118 -11.05 11.66 25.08
CA ILE A 118 -11.57 11.08 26.30
C ILE A 118 -13.03 10.69 26.12
N GLY A 119 -13.80 11.58 25.51
CA GLY A 119 -15.21 11.31 25.31
C GLY A 119 -15.48 10.17 24.35
N LEU A 120 -14.71 10.13 23.27
CA LEU A 120 -14.83 9.10 22.26
C LEU A 120 -14.58 7.75 22.93
N GLN A 121 -13.46 7.65 23.65
CA GLN A 121 -13.11 6.43 24.36
C GLN A 121 -14.23 5.99 25.30
N ALA A 122 -14.75 6.94 26.09
CA ALA A 122 -15.81 6.65 27.04
C ALA A 122 -17.12 6.22 26.38
N ASN A 123 -17.59 7.03 25.44
CA ASN A 123 -18.83 6.75 24.74
C ASN A 123 -18.81 5.38 24.06
N ILE A 124 -17.70 5.06 23.42
CA ILE A 124 -17.58 3.78 22.73
C ILE A 124 -17.56 2.61 23.72
N ARG A 125 -16.88 2.78 24.83
CA ARG A 125 -16.84 1.72 25.84
C ARG A 125 -18.24 1.52 26.38
N GLU A 126 -18.94 2.62 26.61
CA GLU A 126 -20.31 2.57 27.14
C GLU A 126 -21.23 1.80 26.19
N PHE A 127 -21.11 2.07 24.90
CA PHE A 127 -21.92 1.39 23.90
C PHE A 127 -21.67 -0.12 23.91
N ASN A 128 -20.40 -0.51 23.79
CA ASN A 128 -20.07 -1.93 23.77
C ASN A 128 -20.47 -2.66 25.05
N GLN A 129 -20.35 -1.99 26.20
CA GLN A 129 -20.73 -2.59 27.47
C GLN A 129 -22.25 -2.78 27.52
N GLN A 130 -22.97 -1.80 26.99
CA GLN A 130 -24.42 -1.86 26.96
C GLN A 130 -24.87 -3.03 26.09
N VAL A 131 -24.19 -3.22 24.97
CA VAL A 131 -24.51 -4.32 24.07
C VAL A 131 -24.30 -5.64 24.80
N ASP A 132 -23.12 -5.80 25.37
CA ASP A 132 -22.76 -7.02 26.09
C ASP A 132 -23.69 -7.27 27.28
N ASN A 133 -23.91 -6.24 28.07
CA ASN A 133 -24.77 -6.34 29.24
C ASN A 133 -26.16 -6.78 28.81
N PHE A 134 -26.65 -6.21 27.71
CA PHE A 134 -27.97 -6.54 27.20
C PHE A 134 -28.07 -8.02 26.82
N LEU A 135 -27.06 -8.51 26.10
CA LEU A 135 -27.04 -9.91 25.67
C LEU A 135 -26.82 -10.87 26.83
N ASN A 136 -26.17 -10.38 27.88
CA ASN A 136 -25.90 -11.21 29.05
C ASN A 136 -25.94 -10.35 30.32
N PRO A 137 -27.15 -10.09 30.84
CA PRO A 137 -27.36 -9.27 32.03
C PRO A 137 -26.41 -9.57 33.18
N THR A 138 -25.75 -8.52 33.66
CA THR A 138 -24.80 -8.63 34.76
C THR A 138 -24.59 -7.28 35.44
N GLN A 139 -25.39 -6.30 35.03
CA GLN A 139 -25.35 -4.95 35.58
C GLN A 139 -26.68 -4.24 35.39
N ASN A 140 -26.65 -2.95 35.04
CA ASN A 140 -27.87 -2.16 34.85
C ASN A 140 -28.90 -2.89 34.01
N PRO A 141 -30.18 -2.57 34.22
CA PRO A 141 -31.26 -3.21 33.45
C PRO A 141 -31.03 -3.17 31.93
N VAL A 142 -31.01 -1.98 31.34
CA VAL A 142 -30.79 -1.83 29.90
C VAL A 142 -31.75 -2.72 29.13
N PRO A 143 -33.01 -2.28 28.96
CA PRO A 143 -34.01 -3.07 28.23
C PRO A 143 -33.64 -3.23 26.75
N LEU A 144 -34.65 -3.19 25.88
CA LEU A 144 -34.41 -3.33 24.44
C LEU A 144 -33.62 -2.09 23.97
N SER A 145 -32.89 -1.51 24.91
CA SER A 145 -32.10 -0.32 24.66
C SER A 145 -30.93 -0.49 23.72
N ILE A 146 -30.78 -1.63 23.07
CA ILE A 146 -29.66 -1.76 22.15
C ILE A 146 -29.88 -0.75 21.02
N THR A 147 -31.06 -0.81 20.42
CA THR A 147 -31.41 0.13 19.35
C THR A 147 -31.24 1.54 19.91
N SER A 148 -31.57 1.68 21.20
CA SER A 148 -31.46 2.96 21.88
C SER A 148 -30.00 3.35 22.09
N SER A 149 -29.16 2.36 22.35
CA SER A 149 -27.74 2.60 22.56
C SER A 149 -27.10 2.93 21.21
N VAL A 150 -27.63 2.33 20.15
CA VAL A 150 -27.14 2.56 18.81
C VAL A 150 -27.41 3.99 18.39
N ASN A 151 -28.64 4.45 18.62
CA ASN A 151 -29.02 5.81 18.26
C ASN A 151 -28.20 6.85 19.01
N THR A 152 -27.91 6.57 20.28
CA THR A 152 -27.12 7.49 21.09
C THR A 152 -25.67 7.54 20.63
N MET A 153 -25.07 6.36 20.43
CA MET A 153 -23.69 6.26 19.99
C MET A 153 -23.50 6.94 18.63
N GLN A 154 -24.44 6.70 17.72
CA GLN A 154 -24.39 7.27 16.39
C GLN A 154 -24.32 8.78 16.44
N GLN A 155 -25.20 9.38 17.24
CA GLN A 155 -25.24 10.82 17.37
C GLN A 155 -23.97 11.32 18.03
N LEU A 156 -23.46 10.56 18.98
CA LEU A 156 -22.23 10.95 19.66
C LEU A 156 -21.05 10.95 18.69
N PHE A 157 -21.05 10.01 17.75
CA PHE A 157 -19.97 9.94 16.75
C PHE A 157 -20.03 11.20 15.87
N LEU A 158 -21.24 11.57 15.48
CA LEU A 158 -21.46 12.74 14.64
C LEU A 158 -21.05 14.04 15.33
N ASN A 159 -21.17 14.07 16.65
CA ASN A 159 -20.81 15.26 17.43
C ASN A 159 -19.32 15.37 17.66
N ARG A 160 -18.62 14.24 17.72
CA ARG A 160 -17.20 14.27 18.00
C ARG A 160 -16.25 14.31 16.79
N LEU A 161 -16.52 13.53 15.76
CA LEU A 161 -15.63 13.50 14.59
C LEU A 161 -15.22 14.87 14.04
N PRO A 162 -16.18 15.80 13.89
CA PRO A 162 -15.86 17.12 13.36
C PRO A 162 -14.73 17.82 14.11
N GLN A 163 -14.58 17.49 15.38
CA GLN A 163 -13.53 18.12 16.17
C GLN A 163 -12.13 17.69 15.76
N PHE A 164 -12.04 16.74 14.84
CA PHE A 164 -10.74 16.29 14.36
C PHE A 164 -10.56 16.80 12.94
N GLN A 165 -11.38 17.77 12.56
CA GLN A 165 -11.32 18.36 11.24
C GLN A 165 -11.25 19.88 11.30
N ILE A 166 -10.69 20.39 12.39
CA ILE A 166 -10.56 21.83 12.60
C ILE A 166 -9.79 22.54 11.51
N GLN A 167 -10.43 23.53 10.91
CA GLN A 167 -9.81 24.31 9.85
C GLN A 167 -8.51 24.89 10.40
N GLY A 168 -7.47 24.84 9.58
CA GLY A 168 -6.17 25.33 10.01
C GLY A 168 -5.26 24.19 10.44
N TYR A 169 -5.87 23.06 10.84
CA TYR A 169 -5.08 21.92 11.27
C TYR A 169 -5.62 20.61 10.71
N GLN A 170 -6.29 20.68 9.57
CA GLN A 170 -6.88 19.47 8.98
C GLN A 170 -5.86 18.38 8.66
N LEU A 171 -4.71 18.75 8.09
CA LEU A 171 -3.70 17.74 7.77
C LEU A 171 -3.06 17.18 9.04
N LEU A 172 -2.79 18.06 9.99
CA LEU A 172 -2.18 17.65 11.23
C LEU A 172 -3.05 16.70 12.03
N LEU A 173 -4.37 16.89 11.94
CA LEU A 173 -5.33 16.07 12.64
C LEU A 173 -5.82 14.88 11.82
N LEU A 174 -5.44 14.83 10.55
CA LEU A 174 -5.90 13.76 9.67
C LEU A 174 -5.70 12.33 10.24
N PRO A 175 -4.52 12.04 10.82
CA PRO A 175 -4.31 10.70 11.37
C PRO A 175 -5.35 10.42 12.46
N LEU A 176 -5.58 11.38 13.34
CA LEU A 176 -6.56 11.21 14.40
C LEU A 176 -7.96 11.05 13.82
N PHE A 177 -8.30 11.88 12.84
CA PHE A 177 -9.62 11.78 12.23
C PHE A 177 -9.81 10.41 11.60
N ALA A 178 -8.76 9.90 10.96
CA ALA A 178 -8.83 8.59 10.33
C ALA A 178 -9.14 7.52 11.37
N GLN A 179 -8.47 7.59 12.52
CA GLN A 179 -8.72 6.63 13.58
C GLN A 179 -10.18 6.74 14.06
N ALA A 180 -10.67 7.98 14.20
CA ALA A 180 -12.04 8.19 14.64
C ALA A 180 -13.03 7.72 13.57
N ALA A 181 -12.70 7.94 12.31
CA ALA A 181 -13.55 7.50 11.22
C ALA A 181 -13.59 5.98 11.27
N ASN A 182 -12.48 5.36 11.63
CA ASN A 182 -12.41 3.90 11.74
C ASN A 182 -13.44 3.43 12.74
N MET A 183 -13.50 4.12 13.87
CA MET A 183 -14.44 3.77 14.93
C MET A 183 -15.89 3.91 14.52
N HIS A 184 -16.23 5.02 13.88
CA HIS A 184 -17.61 5.25 13.45
C HIS A 184 -18.06 4.26 12.37
N LEU A 185 -17.23 4.07 11.34
CA LEU A 185 -17.58 3.16 10.26
C LEU A 185 -17.63 1.71 10.74
N SER A 186 -16.76 1.37 11.67
CA SER A 186 -16.72 0.01 12.23
C SER A 186 -18.02 -0.21 13.00
N PHE A 187 -18.44 0.83 13.71
CA PHE A 187 -19.66 0.84 14.51
C PHE A 187 -20.86 0.57 13.59
N ILE A 188 -20.93 1.32 12.50
CA ILE A 188 -22.02 1.16 11.54
C ILE A 188 -22.05 -0.26 10.97
N ARG A 189 -20.89 -0.77 10.60
CA ARG A 189 -20.79 -2.12 10.06
C ARG A 189 -21.25 -3.13 11.11
N ASP A 190 -20.92 -2.88 12.37
CA ASP A 190 -21.31 -3.79 13.45
C ASP A 190 -22.83 -3.88 13.55
N VAL A 191 -23.51 -2.73 13.50
CA VAL A 191 -24.96 -2.73 13.58
C VAL A 191 -25.56 -3.58 12.47
N ILE A 192 -25.01 -3.44 11.27
CA ILE A 192 -25.47 -4.19 10.11
C ILE A 192 -25.29 -5.70 10.24
N LEU A 193 -24.06 -6.13 10.51
CA LEU A 193 -23.74 -7.55 10.61
C LEU A 193 -24.26 -8.26 11.86
N ASN A 194 -24.68 -7.50 12.85
CA ASN A 194 -25.20 -8.06 14.09
C ASN A 194 -26.66 -7.65 14.29
N ALA A 195 -27.29 -7.21 13.21
CA ALA A 195 -28.68 -6.74 13.24
C ALA A 195 -29.65 -7.70 13.95
N ASP A 196 -29.76 -8.91 13.44
CA ASP A 196 -30.66 -9.88 14.05
C ASP A 196 -30.27 -10.18 15.50
N GLU A 197 -28.98 -10.40 15.73
CA GLU A 197 -28.47 -10.69 17.07
C GLU A 197 -28.74 -9.57 18.08
N TRP A 198 -28.75 -8.33 17.62
CA TRP A 198 -28.97 -7.21 18.53
C TRP A 198 -30.41 -6.72 18.61
N GLY A 199 -31.29 -7.35 17.83
CA GLY A 199 -32.68 -6.96 17.85
C GLY A 199 -32.97 -5.72 17.03
N ILE A 200 -32.10 -5.42 16.08
CA ILE A 200 -32.25 -4.26 15.21
C ILE A 200 -33.42 -4.44 14.26
N SER A 201 -34.24 -3.40 14.10
CA SER A 201 -35.39 -3.46 13.21
C SER A 201 -34.95 -3.43 11.75
N ALA A 202 -35.87 -3.80 10.87
CA ALA A 202 -35.59 -3.81 9.44
C ALA A 202 -35.36 -2.39 8.95
N ALA A 203 -36.13 -1.45 9.48
CA ALA A 203 -36.02 -0.06 9.10
C ALA A 203 -34.66 0.51 9.50
N THR A 204 -34.21 0.16 10.69
CA THR A 204 -32.92 0.63 11.17
C THR A 204 -31.80 0.02 10.34
N LEU A 205 -31.95 -1.25 10.01
CA LEU A 205 -30.95 -1.96 9.22
C LEU A 205 -30.75 -1.28 7.88
N ARG A 206 -31.85 -1.02 7.17
CA ARG A 206 -31.77 -0.38 5.88
C ARG A 206 -31.09 0.99 6.00
N THR A 207 -31.43 1.75 7.04
CA THR A 207 -30.84 3.06 7.24
C THR A 207 -29.33 2.93 7.44
N TYR A 208 -28.90 1.97 8.27
CA TYR A 208 -27.47 1.79 8.51
C TYR A 208 -26.69 1.29 7.30
N ARG A 209 -27.37 0.62 6.37
CA ARG A 209 -26.66 0.19 5.17
C ARG A 209 -26.28 1.46 4.41
N ASP A 210 -27.20 2.43 4.38
CA ASP A 210 -26.94 3.69 3.68
C ASP A 210 -25.87 4.48 4.43
N TYR A 211 -25.89 4.37 5.76
CA TYR A 211 -24.90 5.06 6.58
C TYR A 211 -23.49 4.60 6.20
N LEU A 212 -23.30 3.28 6.13
CA LEU A 212 -21.98 2.75 5.79
C LEU A 212 -21.49 3.33 4.47
N ARG A 213 -22.36 3.32 3.46
CA ARG A 213 -21.98 3.86 2.17
C ARG A 213 -21.76 5.37 2.22
N ASN A 214 -22.76 6.10 2.69
CA ASN A 214 -22.67 7.57 2.73
C ASN A 214 -21.55 8.13 3.59
N TYR A 215 -21.33 7.55 4.76
CA TYR A 215 -20.27 8.05 5.61
C TYR A 215 -18.90 7.63 5.06
N THR A 216 -18.83 6.47 4.43
CA THR A 216 -17.57 6.03 3.84
C THR A 216 -17.20 7.06 2.77
N ARG A 217 -18.20 7.51 2.02
CA ARG A 217 -18.00 8.50 1.00
C ARG A 217 -17.49 9.82 1.59
N ASP A 218 -18.22 10.36 2.54
CA ASP A 218 -17.84 11.63 3.17
C ASP A 218 -16.45 11.60 3.81
N TYR A 219 -16.20 10.57 4.61
CA TYR A 219 -14.92 10.44 5.28
C TYR A 219 -13.78 10.16 4.30
N SER A 220 -14.05 9.34 3.29
CA SER A 220 -13.02 9.00 2.30
C SER A 220 -12.63 10.24 1.52
N ASN A 221 -13.63 10.94 0.98
CA ASN A 221 -13.35 12.14 0.20
C ASN A 221 -12.64 13.20 1.04
N TYR A 222 -13.06 13.36 2.28
CA TYR A 222 -12.41 14.35 3.16
C TYR A 222 -10.93 14.05 3.33
N CYS A 223 -10.60 12.78 3.54
CA CYS A 223 -9.20 12.39 3.72
C CYS A 223 -8.40 12.60 2.44
N ILE A 224 -8.97 12.16 1.33
CA ILE A 224 -8.31 12.31 0.03
C ILE A 224 -8.08 13.78 -0.31
N ASN A 225 -9.12 14.60 -0.17
CA ASN A 225 -9.01 16.02 -0.46
C ASN A 225 -8.00 16.72 0.44
N THR A 226 -8.01 16.41 1.73
CA THR A 226 -7.08 17.04 2.66
C THR A 226 -5.63 16.73 2.28
N TYR A 227 -5.36 15.47 1.97
CA TYR A 227 -4.03 15.07 1.59
C TYR A 227 -3.60 15.65 0.25
N GLN A 228 -4.49 15.60 -0.74
CA GLN A 228 -4.15 16.13 -2.07
C GLN A 228 -3.81 17.61 -2.04
N THR A 229 -4.56 18.38 -1.26
CA THR A 229 -4.29 19.81 -1.15
C THR A 229 -2.89 20.05 -0.61
N ALA A 230 -2.52 19.29 0.42
CA ALA A 230 -1.20 19.42 1.03
C ALA A 230 -0.09 18.95 0.11
N PHE A 231 -0.34 17.83 -0.58
CA PHE A 231 0.63 17.26 -1.49
C PHE A 231 0.95 18.25 -2.63
N ARG A 232 -0.05 19.00 -3.07
CA ARG A 232 0.17 19.97 -4.16
C ARG A 232 1.09 21.12 -3.74
N GLY A 233 1.21 21.33 -2.43
CA GLY A 233 2.06 22.40 -1.94
C GLY A 233 3.47 21.94 -1.64
N LEU A 234 3.77 20.68 -1.93
CA LEU A 234 5.10 20.13 -1.67
C LEU A 234 6.17 20.56 -2.68
N ASN A 235 7.38 20.74 -2.16
CA ASN A 235 8.54 21.08 -2.96
C ASN A 235 9.68 20.66 -2.06
N THR A 236 10.04 19.39 -2.16
CA THR A 236 11.09 18.86 -1.31
C THR A 236 11.89 17.77 -2.01
N ARG A 237 12.97 17.33 -1.38
CA ARG A 237 13.78 16.28 -1.96
C ARG A 237 12.99 14.97 -2.01
N LEU A 238 13.42 14.05 -2.86
CA LEU A 238 12.72 12.78 -3.01
C LEU A 238 12.45 12.05 -1.70
N HIS A 239 13.50 11.89 -0.90
CA HIS A 239 13.36 11.22 0.38
C HIS A 239 12.19 11.75 1.18
N ASP A 240 12.10 13.08 1.29
CA ASP A 240 11.03 13.71 2.05
C ASP A 240 9.66 13.59 1.41
N MET A 241 9.60 13.64 0.08
CA MET A 241 8.33 13.51 -0.60
C MET A 241 7.76 12.11 -0.34
N LEU A 242 8.61 11.09 -0.49
CA LEU A 242 8.16 9.72 -0.27
C LEU A 242 7.74 9.46 1.19
N GLU A 243 8.49 10.01 2.14
CA GLU A 243 8.16 9.82 3.55
C GLU A 243 6.85 10.51 3.91
N PHE A 244 6.60 11.66 3.29
CA PHE A 244 5.36 12.37 3.56
C PHE A 244 4.22 11.45 3.15
N ARG A 245 4.36 10.81 1.99
CA ARG A 245 3.34 9.90 1.48
C ARG A 245 3.21 8.67 2.36
N THR A 246 4.35 8.09 2.71
CA THR A 246 4.36 6.91 3.56
C THR A 246 3.67 7.18 4.87
N TYR A 247 4.03 8.29 5.50
CA TYR A 247 3.45 8.67 6.77
C TYR A 247 1.92 8.72 6.67
N MET A 248 1.41 9.42 5.67
CA MET A 248 -0.04 9.54 5.48
C MET A 248 -0.71 8.24 5.01
N PHE A 249 -0.01 7.44 4.23
CA PHE A 249 -0.60 6.19 3.77
C PHE A 249 -0.74 5.20 4.94
N LEU A 250 0.21 5.21 5.86
CA LEU A 250 0.15 4.31 7.01
C LEU A 250 -0.82 4.81 8.07
N ASN A 251 -0.89 6.12 8.24
CA ASN A 251 -1.75 6.76 9.23
C ASN A 251 -3.15 7.04 8.74
N VAL A 252 -3.33 7.14 7.44
CA VAL A 252 -4.63 7.48 6.89
C VAL A 252 -5.20 6.64 5.75
N PHE A 253 -4.46 6.50 4.66
CA PHE A 253 -5.01 5.78 3.52
C PHE A 253 -5.15 4.27 3.55
N GLU A 254 -4.46 3.62 4.47
CA GLU A 254 -4.61 2.18 4.61
C GLU A 254 -6.05 2.00 5.06
N TYR A 255 -6.51 2.95 5.88
CA TYR A 255 -7.88 2.92 6.38
C TYR A 255 -8.87 3.31 5.31
N VAL A 256 -8.58 4.37 4.57
CA VAL A 256 -9.49 4.78 3.51
C VAL A 256 -9.72 3.61 2.56
N SER A 257 -8.66 2.87 2.28
CA SER A 257 -8.73 1.71 1.38
C SER A 257 -9.53 0.53 1.94
N ILE A 258 -9.61 0.43 3.26
CA ILE A 258 -10.38 -0.68 3.83
C ILE A 258 -11.85 -0.30 4.04
N TRP A 259 -12.13 0.99 4.24
CA TRP A 259 -13.52 1.42 4.47
C TRP A 259 -14.46 1.03 3.34
N SER A 260 -14.06 1.26 2.10
CA SER A 260 -14.90 0.93 0.96
C SER A 260 -14.97 -0.57 0.73
N LEU A 261 -14.34 -1.35 1.61
CA LEU A 261 -14.37 -2.80 1.52
C LEU A 261 -15.13 -3.37 2.72
N PHE A 262 -15.54 -2.52 3.64
CA PHE A 262 -16.29 -2.96 4.81
C PHE A 262 -17.60 -3.60 4.35
N LYS A 263 -18.05 -3.21 3.16
CA LYS A 263 -19.28 -3.73 2.58
C LYS A 263 -19.14 -5.22 2.24
N TYR A 264 -17.90 -5.73 2.31
CA TYR A 264 -17.65 -7.14 2.01
C TYR A 264 -17.26 -7.95 3.25
N GLN A 265 -17.49 -9.26 3.18
CA GLN A 265 -17.15 -10.17 4.25
C GLN A 265 -16.36 -11.31 3.65
N SER A 266 -15.39 -11.81 4.42
CA SER A 266 -14.57 -12.92 3.97
C SER A 266 -13.86 -12.55 2.66
N LEU A 267 -13.21 -11.40 2.66
CA LEU A 267 -12.49 -10.92 1.49
C LEU A 267 -11.05 -10.64 1.89
N MET A 268 -10.14 -11.50 1.45
CA MET A 268 -8.73 -11.33 1.76
C MET A 268 -8.12 -10.30 0.81
N VAL A 269 -7.73 -9.15 1.34
CA VAL A 269 -7.10 -8.12 0.53
C VAL A 269 -5.67 -8.60 0.37
N SER A 270 -5.35 -9.15 -0.81
CA SER A 270 -4.03 -9.71 -1.07
C SER A 270 -2.89 -8.72 -1.11
N SER A 271 -3.19 -7.45 -1.33
CA SER A 271 -2.16 -6.43 -1.37
C SER A 271 -2.76 -5.05 -1.26
N GLY A 272 -1.92 -4.07 -0.92
CA GLY A 272 -2.39 -2.71 -0.79
C GLY A 272 -1.48 -1.76 -1.54
N ALA A 273 -1.52 -0.49 -1.18
CA ALA A 273 -0.68 0.50 -1.82
C ALA A 273 0.78 0.27 -1.46
N ASN A 274 1.68 0.70 -2.32
CA ASN A 274 3.10 0.55 -2.06
C ASN A 274 3.56 1.61 -1.09
N LEU A 275 4.76 1.43 -0.55
CA LEU A 275 5.40 2.40 0.32
C LEU A 275 6.75 2.53 -0.36
N TYR A 276 7.13 3.73 -0.78
CA TYR A 276 8.41 3.92 -1.45
C TYR A 276 9.42 4.56 -0.53
N ALA A 277 10.65 4.05 -0.59
CA ALA A 277 11.72 4.56 0.23
C ALA A 277 12.92 4.93 -0.63
N SER A 278 13.54 6.06 -0.31
CA SER A 278 14.74 6.50 -1.02
C SER A 278 15.71 6.91 0.09
N GLY A 279 16.98 7.08 -0.26
CA GLY A 279 17.96 7.41 0.75
C GLY A 279 18.06 8.85 1.20
N SER A 280 18.54 9.02 2.43
CA SER A 280 18.78 10.32 3.03
C SER A 280 20.25 10.59 2.75
N GLY A 281 20.74 11.77 3.10
CA GLY A 281 22.13 12.07 2.85
C GLY A 281 22.28 13.32 2.01
N PRO A 282 23.50 13.85 1.88
CA PRO A 282 23.75 15.06 1.10
C PRO A 282 23.82 14.93 -0.42
N GLN A 283 23.90 13.70 -0.94
CA GLN A 283 23.99 13.50 -2.40
C GLN A 283 22.69 13.66 -3.17
N GLN A 284 21.60 13.09 -2.66
CA GLN A 284 20.31 13.18 -3.33
C GLN A 284 19.74 14.57 -3.08
N THR A 285 20.09 15.51 -3.96
CA THR A 285 19.69 16.91 -3.81
C THR A 285 18.51 17.45 -4.60
N GLN A 286 18.16 16.82 -5.70
CA GLN A 286 17.07 17.34 -6.51
C GLN A 286 15.77 17.50 -5.72
N SER A 287 15.08 18.62 -5.96
CA SER A 287 13.83 18.91 -5.28
C SER A 287 12.70 18.62 -6.26
N PHE A 288 11.58 18.11 -5.76
CA PHE A 288 10.45 17.80 -6.62
C PHE A 288 9.15 18.40 -6.12
N THR A 289 8.23 18.60 -7.06
CA THR A 289 6.91 19.13 -6.76
C THR A 289 5.88 18.08 -7.17
N ALA A 290 4.63 18.30 -6.79
CA ALA A 290 3.55 17.36 -7.09
C ALA A 290 3.43 17.04 -8.58
N GLN A 291 3.73 18.01 -9.44
CA GLN A 291 3.63 17.81 -10.88
C GLN A 291 4.62 16.75 -11.36
N ASN A 292 5.67 16.52 -10.58
CA ASN A 292 6.70 15.55 -10.90
C ASN A 292 6.34 14.15 -10.40
N TRP A 293 5.40 14.08 -9.46
CA TRP A 293 5.02 12.81 -8.87
C TRP A 293 4.54 11.74 -9.85
N PRO A 294 3.63 12.09 -10.77
CA PRO A 294 3.15 11.10 -11.73
C PRO A 294 4.28 10.37 -12.42
N PHE A 295 5.30 11.12 -12.84
CA PHE A 295 6.44 10.50 -13.50
C PHE A 295 7.15 9.55 -12.55
N LEU A 296 7.43 10.03 -11.35
CA LEU A 296 8.14 9.22 -10.36
C LEU A 296 7.48 7.89 -10.02
N TYR A 297 6.20 7.89 -9.70
CA TYR A 297 5.56 6.62 -9.37
C TYR A 297 5.33 5.75 -10.61
N SER A 298 5.30 6.35 -11.80
CA SER A 298 5.10 5.55 -13.01
C SER A 298 6.40 4.81 -13.27
N LEU A 299 7.51 5.40 -12.80
CA LEU A 299 8.83 4.81 -12.96
C LEU A 299 9.10 3.75 -11.90
N PHE A 300 8.72 4.06 -10.66
CA PHE A 300 8.92 3.15 -9.53
C PHE A 300 8.12 1.87 -9.63
N GLN A 301 7.07 1.85 -10.46
CA GLN A 301 6.25 0.65 -10.59
C GLN A 301 6.48 -0.10 -11.90
N VAL A 302 7.57 0.21 -12.59
CA VAL A 302 7.88 -0.47 -13.84
C VAL A 302 8.16 -1.93 -13.53
N ASN A 303 7.49 -2.81 -14.26
CA ASN A 303 7.64 -4.26 -14.09
C ASN A 303 7.14 -4.72 -12.71
N SER A 304 6.15 -4.03 -12.17
CA SER A 304 5.60 -4.40 -10.86
C SER A 304 4.91 -5.76 -10.89
N ASN A 305 4.52 -6.20 -12.08
CA ASN A 305 3.83 -7.48 -12.22
C ASN A 305 4.80 -8.65 -12.33
N TYR A 306 6.10 -8.35 -12.39
CA TYR A 306 7.12 -9.38 -12.46
C TYR A 306 7.67 -9.71 -11.08
N ILE A 307 8.42 -10.80 -10.99
CA ILE A 307 9.01 -11.22 -9.73
C ILE A 307 10.46 -10.74 -9.63
N LEU A 308 10.67 -9.79 -8.73
CA LEU A 308 11.98 -9.18 -8.50
C LEU A 308 13.06 -10.21 -8.17
N SER A 309 14.14 -10.17 -8.93
CA SER A 309 15.24 -11.11 -8.75
C SER A 309 16.44 -10.42 -8.11
N GLY A 310 16.77 -9.24 -8.62
CA GLY A 310 17.90 -8.51 -8.09
C GLY A 310 18.26 -7.29 -8.93
N ILE A 311 19.51 -6.86 -8.84
CA ILE A 311 19.97 -5.71 -9.60
C ILE A 311 21.39 -5.92 -10.06
N SER A 312 21.79 -5.15 -11.06
CA SER A 312 23.15 -5.18 -11.58
C SER A 312 23.52 -3.71 -11.63
N GLY A 313 24.80 -3.40 -11.55
CA GLY A 313 25.19 -2.01 -11.59
C GLY A 313 26.69 -1.80 -11.64
N THR A 314 27.08 -0.54 -11.69
CA THR A 314 28.48 -0.18 -11.73
C THR A 314 28.88 0.53 -10.45
N ARG A 315 29.65 -0.15 -9.60
CA ARG A 315 30.11 0.48 -8.36
C ARG A 315 31.57 0.85 -8.52
N LEU A 316 31.93 2.04 -8.08
CA LEU A 316 33.31 2.49 -8.17
C LEU A 316 33.86 2.96 -6.84
N SER A 317 35.12 2.62 -6.58
CA SER A 317 35.84 3.01 -5.37
C SER A 317 37.13 3.70 -5.80
N ILE A 318 37.11 5.02 -5.82
CA ILE A 318 38.26 5.81 -6.21
C ILE A 318 38.81 6.61 -5.05
N THR A 319 40.11 6.50 -4.81
CA THR A 319 40.77 7.22 -3.74
C THR A 319 41.94 8.01 -4.30
N PHE A 320 41.68 9.15 -4.92
CA PHE A 320 42.77 9.94 -5.49
C PHE A 320 43.60 10.58 -4.39
N PRO A 321 44.93 10.63 -4.58
CA PRO A 321 45.81 11.22 -3.58
C PRO A 321 45.53 12.71 -3.44
N ASN A 322 45.67 13.24 -2.23
CA ASN A 322 45.43 14.67 -2.02
C ASN A 322 46.67 15.46 -2.40
N ILE A 323 46.48 16.44 -3.27
CA ILE A 323 47.58 17.29 -3.74
C ILE A 323 47.32 18.72 -3.28
N GLY A 324 48.27 19.60 -3.55
CA GLY A 324 48.11 20.99 -3.15
C GLY A 324 48.75 21.27 -1.81
N GLY A 325 49.44 20.27 -1.26
CA GLY A 325 50.10 20.44 0.02
C GLY A 325 49.38 19.81 1.20
N LEU A 326 48.11 19.50 1.02
CA LEU A 326 47.31 18.90 2.09
C LEU A 326 47.70 17.45 2.31
N PRO A 327 47.46 16.95 3.53
CA PRO A 327 47.79 15.56 3.86
C PRO A 327 46.58 14.65 3.56
N GLY A 328 46.60 13.41 4.04
CA GLY A 328 45.49 12.50 3.80
C GLY A 328 45.09 12.33 2.35
N SER A 329 43.83 11.97 2.13
CA SER A 329 43.32 11.76 0.77
C SER A 329 41.80 11.91 0.69
N THR A 330 41.25 11.60 -0.48
CA THR A 330 39.80 11.69 -0.71
C THR A 330 39.28 10.48 -1.47
N THR A 331 38.32 9.78 -0.86
CA THR A 331 37.75 8.59 -1.46
C THR A 331 36.25 8.76 -1.71
N THR A 332 35.77 8.14 -2.79
CA THR A 332 34.37 8.22 -3.15
C THR A 332 33.85 6.85 -3.64
N HIS A 333 32.94 6.28 -2.87
CA HIS A 333 32.33 4.99 -3.21
C HIS A 333 30.98 5.32 -3.83
N SER A 334 30.87 5.11 -5.14
CA SER A 334 29.65 5.44 -5.85
C SER A 334 29.05 4.33 -6.70
N LEU A 335 27.75 4.48 -6.98
CA LEU A 335 27.00 3.58 -7.84
C LEU A 335 26.66 4.49 -9.01
N ASN A 336 27.34 4.26 -10.13
CA ASN A 336 27.18 5.09 -11.32
C ASN A 336 26.08 4.67 -12.27
N SER A 337 25.71 3.39 -12.23
CA SER A 337 24.70 2.86 -13.12
C SER A 337 24.02 1.66 -12.48
N ALA A 338 22.75 1.45 -12.82
CA ALA A 338 22.03 0.34 -12.25
C ALA A 338 20.84 -0.09 -13.11
N ARG A 339 20.45 -1.34 -12.94
CA ARG A 339 19.31 -1.89 -13.65
C ARG A 339 18.78 -3.02 -12.80
N VAL A 340 17.45 -3.03 -12.64
CA VAL A 340 16.78 -4.03 -11.83
C VAL A 340 16.43 -5.24 -12.71
N ASN A 341 16.59 -6.43 -12.14
CA ASN A 341 16.32 -7.67 -12.86
C ASN A 341 15.15 -8.45 -12.30
N TYR A 342 14.46 -9.17 -13.18
CA TYR A 342 13.29 -9.95 -12.79
C TYR A 342 13.25 -11.33 -13.45
N SER A 343 12.37 -12.19 -12.94
CA SER A 343 12.19 -13.53 -13.47
C SER A 343 11.73 -13.40 -14.91
N GLY A 344 12.07 -14.39 -15.73
CA GLY A 344 11.69 -14.36 -17.12
C GLY A 344 12.70 -13.61 -17.96
N GLY A 345 13.79 -13.21 -17.33
CA GLY A 345 14.84 -12.48 -18.03
C GLY A 345 14.52 -11.02 -18.27
N VAL A 346 13.46 -10.53 -17.64
CA VAL A 346 13.07 -9.14 -17.79
C VAL A 346 13.90 -8.19 -16.94
N SER A 347 14.09 -6.96 -17.42
CA SER A 347 14.83 -5.94 -16.71
C SER A 347 14.14 -4.59 -16.83
N SER A 348 14.46 -3.69 -15.91
CA SER A 348 13.90 -2.35 -15.94
C SER A 348 14.79 -1.55 -16.90
N GLY A 349 14.61 -0.25 -16.91
CA GLY A 349 15.44 0.57 -17.76
C GLY A 349 16.70 0.83 -16.97
N LEU A 350 17.73 1.36 -17.62
CA LEU A 350 18.97 1.65 -16.91
C LEU A 350 18.76 2.89 -16.06
N ILE A 351 19.49 2.96 -14.96
CA ILE A 351 19.41 4.11 -14.08
C ILE A 351 20.83 4.66 -13.99
N GLY A 352 20.99 5.94 -14.24
CA GLY A 352 22.31 6.52 -14.19
C GLY A 352 22.97 6.45 -15.56
N ALA A 353 24.28 6.22 -15.57
CA ALA A 353 25.03 6.13 -16.81
C ALA A 353 24.58 4.96 -17.69
N THR A 354 24.49 5.22 -18.98
CA THR A 354 24.09 4.21 -19.95
C THR A 354 25.29 3.78 -20.78
N ASN A 355 26.47 4.29 -20.47
CA ASN A 355 27.66 3.92 -21.22
C ASN A 355 28.71 3.24 -20.35
N LEU A 356 28.27 2.56 -19.29
CA LEU A 356 29.21 1.88 -18.42
C LEU A 356 28.83 0.42 -18.21
N ASN A 357 29.82 -0.45 -18.13
CA ASN A 357 29.57 -1.86 -17.90
C ASN A 357 29.39 -2.06 -16.39
N HIS A 358 28.42 -2.88 -16.02
CA HIS A 358 28.16 -3.15 -14.63
C HIS A 358 29.16 -4.18 -14.11
N ASN A 359 29.67 -3.95 -12.89
CA ASN A 359 30.67 -4.85 -12.31
C ASN A 359 30.18 -5.65 -11.12
N PHE A 360 28.87 -5.76 -10.97
CA PHE A 360 28.34 -6.54 -9.85
C PHE A 360 26.86 -6.83 -10.04
N ASN A 361 26.42 -7.97 -9.49
CA ASN A 361 25.02 -8.41 -9.55
C ASN A 361 24.57 -8.85 -8.16
N CYS A 362 23.53 -8.19 -7.66
CA CYS A 362 22.97 -8.42 -6.33
C CYS A 362 21.55 -8.97 -6.46
N SER A 363 21.32 -10.20 -6.03
CA SER A 363 19.97 -10.75 -6.13
C SER A 363 19.73 -11.67 -4.95
N THR A 364 18.52 -12.23 -4.89
CA THR A 364 18.17 -13.16 -3.83
C THR A 364 18.83 -14.44 -4.33
N VAL A 365 19.97 -14.81 -3.76
CA VAL A 365 20.67 -16.01 -4.20
C VAL A 365 19.71 -17.18 -4.41
N LEU A 366 18.85 -17.41 -3.43
CA LEU A 366 17.87 -18.48 -3.50
C LEU A 366 16.67 -18.00 -4.31
N PRO A 367 15.68 -18.88 -4.54
CA PRO A 367 14.50 -18.50 -5.29
C PRO A 367 13.92 -17.18 -4.77
N PRO A 368 13.71 -16.19 -5.65
CA PRO A 368 13.17 -14.88 -5.28
C PRO A 368 11.87 -14.85 -4.49
N LEU A 369 11.06 -15.91 -4.60
CA LEU A 369 9.80 -15.97 -3.84
C LEU A 369 10.04 -16.67 -2.51
N SER A 370 11.10 -17.47 -2.43
CA SER A 370 11.42 -18.18 -1.20
C SER A 370 12.10 -17.25 -0.20
N THR A 371 13.03 -16.42 -0.67
CA THR A 371 13.72 -15.48 0.20
C THR A 371 13.75 -14.10 -0.44
N PRO A 372 12.58 -13.45 -0.49
CA PRO A 372 12.49 -12.11 -1.09
C PRO A 372 13.23 -11.05 -0.27
N PHE A 373 13.48 -9.91 -0.90
CA PHE A 373 14.13 -8.80 -0.24
C PHE A 373 13.08 -8.16 0.67
N VAL A 374 13.49 -7.68 1.84
CA VAL A 374 12.56 -7.03 2.77
C VAL A 374 13.12 -5.74 3.36
N ARG A 375 14.45 -5.61 3.36
CA ARG A 375 15.07 -4.44 3.95
C ARG A 375 16.13 -3.82 3.02
N SER A 376 16.17 -2.49 2.97
CA SER A 376 17.15 -1.80 2.12
C SER A 376 17.85 -0.65 2.85
N TRP A 377 19.05 -0.32 2.39
CA TRP A 377 19.86 0.80 2.90
C TRP A 377 20.14 1.64 1.66
N LEU A 378 19.65 2.88 1.66
CA LEU A 378 19.80 3.74 0.50
C LEU A 378 20.46 5.09 0.77
N ASP A 379 20.82 5.33 2.02
CA ASP A 379 21.43 6.59 2.42
C ASP A 379 22.82 6.82 1.84
N SER A 380 23.19 8.08 1.73
CA SER A 380 24.50 8.50 1.24
C SER A 380 25.05 9.37 2.36
N GLY A 381 26.35 9.67 2.30
CA GLY A 381 26.95 10.51 3.32
C GLY A 381 28.43 10.76 3.11
N THR A 382 28.99 11.59 3.98
CA THR A 382 30.41 11.91 3.90
C THR A 382 31.06 11.77 5.25
N ASP A 383 32.13 11.00 5.31
CA ASP A 383 32.87 10.83 6.56
C ASP A 383 34.15 11.65 6.44
N ARG A 384 34.53 12.30 7.53
CA ARG A 384 35.76 13.10 7.54
C ARG A 384 36.63 12.75 8.73
N GLU A 385 37.94 12.68 8.49
CA GLU A 385 38.90 12.34 9.52
C GLU A 385 40.27 12.95 9.27
N GLY A 386 41.15 12.85 10.28
CA GLY A 386 42.49 13.39 10.16
C GLY A 386 42.48 14.90 10.02
N VAL A 387 43.11 15.40 8.96
CA VAL A 387 43.17 16.84 8.72
C VAL A 387 42.40 17.23 7.47
N ALA A 388 42.52 16.43 6.41
CA ALA A 388 41.83 16.73 5.16
C ALA A 388 41.35 15.47 4.45
N THR A 389 41.23 14.38 5.20
CA THR A 389 40.78 13.12 4.63
C THR A 389 39.26 13.03 4.71
N SER A 390 38.62 12.68 3.59
CA SER A 390 37.16 12.55 3.54
C SER A 390 36.78 11.33 2.73
N THR A 391 35.55 10.87 2.93
CA THR A 391 35.04 9.71 2.21
C THR A 391 33.57 9.86 1.91
N ASN A 392 33.25 9.97 0.62
CA ASN A 392 31.88 10.10 0.17
C ASN A 392 31.41 8.69 -0.09
N TRP A 393 30.27 8.33 0.49
CA TRP A 393 29.77 6.97 0.33
C TRP A 393 28.31 6.86 -0.01
N GLN A 394 28.00 5.74 -0.64
CA GLN A 394 26.64 5.38 -1.01
C GLN A 394 26.45 4.01 -0.38
N THR A 395 25.22 3.52 -0.33
CA THR A 395 24.95 2.20 0.23
C THR A 395 24.33 1.34 -0.86
N GLU A 396 23.05 1.56 -1.14
CA GLU A 396 22.35 0.81 -2.18
C GLU A 396 22.49 -0.67 -1.91
N SER A 397 22.07 -1.09 -0.72
CA SER A 397 22.16 -2.49 -0.31
C SER A 397 20.79 -3.07 0.02
N PHE A 398 20.67 -4.39 -0.06
CA PHE A 398 19.41 -5.04 0.21
C PHE A 398 19.62 -6.36 0.96
N GLN A 399 18.64 -6.72 1.77
CA GLN A 399 18.72 -7.94 2.55
C GLN A 399 17.41 -8.72 2.42
N THR A 400 17.53 -10.04 2.36
CA THR A 400 16.38 -10.93 2.19
C THR A 400 15.83 -11.45 3.51
N THR A 401 14.71 -12.15 3.44
CA THR A 401 14.09 -12.74 4.64
C THR A 401 15.16 -13.55 5.33
N LEU A 402 16.12 -14.00 4.54
CA LEU A 402 17.25 -14.73 5.06
C LEU A 402 18.22 -13.56 5.23
N SER A 403 18.99 -13.54 6.30
CA SER A 403 19.92 -12.43 6.51
C SER A 403 20.92 -12.19 5.38
N LEU A 404 20.63 -12.72 4.20
CA LEU A 404 21.51 -12.55 3.05
C LEU A 404 21.45 -11.11 2.57
N ARG A 405 22.61 -10.47 2.54
CA ARG A 405 22.69 -9.08 2.11
C ARG A 405 23.65 -8.86 0.96
N CYS A 406 23.24 -7.99 0.05
CA CYS A 406 24.09 -7.64 -1.06
C CYS A 406 23.76 -6.21 -1.54
N GLY A 407 24.58 -5.69 -2.43
CA GLY A 407 24.38 -4.35 -2.91
C GLY A 407 25.69 -3.71 -3.33
N ALA A 408 25.70 -2.40 -3.56
CA ALA A 408 26.90 -1.72 -3.98
C ALA A 408 27.93 -1.62 -2.86
N PHE A 409 27.50 -1.14 -1.69
CA PHE A 409 28.42 -0.99 -0.58
C PHE A 409 27.83 -1.38 0.76
N SER A 410 28.70 -1.48 1.77
CA SER A 410 28.31 -1.84 3.11
C SER A 410 27.10 -1.07 3.61
N ALA A 411 26.26 -1.75 4.39
CA ALA A 411 25.06 -1.14 4.94
C ALA A 411 25.37 -0.20 6.10
N ARG A 412 24.61 0.89 6.14
CA ARG A 412 24.74 1.90 7.20
C ARG A 412 23.66 2.95 6.98
N GLY A 413 23.40 3.75 7.99
CA GLY A 413 22.37 4.78 7.89
C GLY A 413 21.02 4.14 8.12
N ASN A 414 19.94 4.85 7.81
CA ASN A 414 18.60 4.29 8.00
C ASN A 414 18.34 3.13 7.06
N SER A 415 17.71 2.08 7.58
CA SER A 415 17.35 0.95 6.75
C SER A 415 15.85 1.10 6.55
N ASN A 416 15.36 0.67 5.40
CA ASN A 416 13.94 0.77 5.09
C ASN A 416 13.30 -0.60 5.19
N TYR A 417 12.27 -0.68 6.02
CA TYR A 417 11.56 -1.94 6.25
C TYR A 417 10.27 -1.68 7.00
N PHE A 418 9.24 -2.46 6.72
CA PHE A 418 7.96 -2.35 7.41
C PHE A 418 7.42 -3.76 7.64
N PRO A 419 6.92 -4.04 8.86
CA PRO A 419 6.38 -5.36 9.19
C PRO A 419 5.38 -5.85 8.16
N ASP A 420 5.52 -7.12 7.76
CA ASP A 420 4.65 -7.74 6.76
C ASP A 420 4.74 -7.14 5.37
N TYR A 421 5.70 -6.24 5.16
CA TYR A 421 5.90 -5.64 3.85
C TYR A 421 7.15 -6.25 3.24
N PHE A 422 7.07 -6.57 1.96
CA PHE A 422 8.21 -7.12 1.25
C PHE A 422 8.62 -6.12 0.19
N ILE A 423 9.91 -6.14 -0.16
CA ILE A 423 10.37 -5.26 -1.22
C ILE A 423 10.03 -6.03 -2.49
N ARG A 424 8.89 -5.72 -3.08
CA ARG A 424 8.45 -6.38 -4.30
C ARG A 424 8.98 -5.75 -5.58
N ASN A 425 9.65 -4.62 -5.45
CA ASN A 425 10.23 -3.97 -6.62
C ASN A 425 11.31 -3.00 -6.21
N ILE A 426 12.22 -2.73 -7.13
CA ILE A 426 13.31 -1.80 -6.89
C ILE A 426 13.38 -0.87 -8.09
N SER A 427 13.68 0.40 -7.83
CA SER A 427 13.80 1.37 -8.90
C SER A 427 14.91 2.30 -8.50
N GLY A 428 14.93 3.50 -9.07
CA GLY A 428 15.97 4.44 -8.73
C GLY A 428 15.94 5.65 -9.63
N VAL A 429 16.76 6.64 -9.30
CA VAL A 429 16.84 7.86 -10.08
C VAL A 429 18.28 8.31 -10.19
N PRO A 430 18.61 9.06 -11.25
CA PRO A 430 19.99 9.54 -11.42
C PRO A 430 20.11 10.82 -10.57
N LEU A 431 21.30 11.39 -10.50
CA LEU A 431 21.49 12.60 -9.70
C LEU A 431 20.50 13.68 -10.11
N VAL A 432 20.30 13.83 -11.42
CA VAL A 432 19.37 14.83 -11.93
C VAL A 432 18.49 14.23 -13.02
N ILE A 433 17.18 14.30 -12.81
CA ILE A 433 16.23 13.79 -13.79
C ILE A 433 15.88 14.97 -14.69
N ARG A 434 16.02 14.78 -16.00
CA ARG A 434 15.74 15.83 -16.97
C ARG A 434 14.27 16.24 -16.89
N ASN A 435 13.99 17.51 -17.15
CA ASN A 435 12.60 17.97 -17.13
C ASN A 435 11.84 17.26 -18.23
N GLU A 436 12.56 16.85 -19.28
CA GLU A 436 11.94 16.14 -20.39
C GLU A 436 11.39 14.81 -19.91
N ASP A 437 12.00 14.24 -18.88
CA ASP A 437 11.52 12.97 -18.34
C ASP A 437 10.39 13.23 -17.35
N LEU A 438 10.58 14.24 -16.50
CA LEU A 438 9.57 14.60 -15.49
C LEU A 438 8.24 14.99 -16.13
N THR A 439 8.29 15.46 -17.36
CA THR A 439 7.09 15.89 -18.07
C THR A 439 6.40 14.76 -18.82
N ARG A 440 7.04 13.61 -18.92
CA ARG A 440 6.47 12.48 -19.63
C ARG A 440 6.43 11.20 -18.82
N PRO A 441 5.34 10.97 -18.08
CA PRO A 441 5.18 9.79 -17.25
C PRO A 441 5.29 8.53 -18.10
N LEU A 442 5.86 7.46 -17.53
CA LEU A 442 5.99 6.22 -18.27
C LEU A 442 4.68 5.46 -18.34
N HIS A 443 4.52 4.63 -19.38
CA HIS A 443 3.30 3.83 -19.50
C HIS A 443 3.59 2.50 -18.83
N TYR A 444 2.60 1.61 -18.81
CA TYR A 444 2.74 0.31 -18.17
C TYR A 444 3.99 -0.42 -18.66
N ASN A 445 4.86 -0.79 -17.71
CA ASN A 445 6.10 -1.50 -18.00
C ASN A 445 6.94 -0.89 -19.12
N GLN A 446 6.88 0.43 -19.25
CA GLN A 446 7.69 1.06 -20.28
C GLN A 446 9.14 0.98 -19.89
N ILE A 447 9.98 0.59 -20.84
CA ILE A 447 11.41 0.50 -20.58
C ILE A 447 12.07 1.73 -21.18
N ARG A 448 12.42 2.68 -20.33
CA ARG A 448 13.07 3.91 -20.78
C ARG A 448 14.27 4.18 -19.89
N ASN A 449 15.38 4.60 -20.49
CA ASN A 449 16.58 4.89 -19.71
C ASN A 449 16.50 6.29 -19.09
N ILE A 450 16.57 6.35 -17.76
CA ILE A 450 16.50 7.62 -17.05
C ILE A 450 17.91 8.03 -16.63
N GLU A 451 18.53 8.88 -17.43
CA GLU A 451 19.90 9.33 -17.16
C GLU A 451 19.99 10.84 -16.96
N SER A 452 21.07 11.29 -16.33
CA SER A 452 21.28 12.72 -16.10
C SER A 452 21.44 13.45 -17.41
N PRO A 453 21.05 14.75 -17.45
CA PRO A 453 21.18 15.53 -18.68
C PRO A 453 22.64 15.57 -19.06
N SER A 454 22.91 15.70 -20.36
CA SER A 454 24.31 15.75 -20.82
C SER A 454 25.03 16.90 -20.12
N GLY A 455 26.30 16.67 -19.79
CA GLY A 455 27.07 17.68 -19.11
C GLY A 455 27.05 17.38 -17.63
N THR A 456 26.36 16.29 -17.29
CA THR A 456 26.22 15.83 -15.91
C THR A 456 26.44 14.32 -15.79
N PRO A 457 26.25 13.56 -16.88
CA PRO A 457 26.45 12.11 -16.80
C PRO A 457 27.84 11.60 -17.16
N GLY A 458 27.90 10.58 -18.02
CA GLY A 458 29.17 10.00 -18.41
C GLY A 458 29.43 8.86 -17.45
N GLY A 459 29.43 9.21 -16.17
CA GLY A 459 29.61 8.24 -15.11
C GLY A 459 28.34 8.33 -14.27
N ALA A 460 27.87 9.56 -14.12
CA ALA A 460 26.65 9.86 -13.36
C ALA A 460 26.49 9.08 -12.06
N ARG A 461 25.27 9.06 -11.55
CA ARG A 461 24.96 8.37 -10.32
C ARG A 461 23.58 7.71 -10.36
N ALA A 462 23.43 6.64 -9.60
CA ALA A 462 22.18 5.92 -9.51
C ALA A 462 21.80 5.82 -8.04
N TYR A 463 20.64 6.35 -7.69
CA TYR A 463 20.13 6.30 -6.32
C TYR A 463 18.87 5.47 -6.34
N LEU A 464 18.94 4.28 -5.75
CA LEU A 464 17.84 3.33 -5.75
C LEU A 464 16.69 3.62 -4.80
N VAL A 465 15.53 3.11 -5.18
CA VAL A 465 14.29 3.25 -4.44
C VAL A 465 13.72 1.86 -4.20
N SER A 466 13.42 1.53 -2.95
CA SER A 466 12.84 0.23 -2.65
C SER A 466 11.31 0.39 -2.58
N VAL A 467 10.60 -0.55 -3.20
CA VAL A 467 9.15 -0.55 -3.24
C VAL A 467 8.62 -1.65 -2.33
N HIS A 468 7.98 -1.23 -1.24
CA HIS A 468 7.45 -2.16 -0.25
C HIS A 468 5.95 -2.39 -0.39
N ASN A 469 5.55 -3.65 -0.35
CA ASN A 469 4.15 -3.99 -0.47
C ASN A 469 3.87 -5.26 0.32
N ARG A 470 2.63 -5.40 0.80
CA ARG A 470 2.23 -6.57 1.56
C ARG A 470 2.11 -7.83 0.70
N LYS A 471 1.89 -7.64 -0.59
CA LYS A 471 1.74 -8.75 -1.53
C LYS A 471 2.61 -9.94 -1.15
N ASN A 472 2.00 -11.11 -1.01
CA ASN A 472 2.75 -12.30 -0.63
C ASN A 472 2.15 -13.59 -1.17
N ASN A 473 0.85 -13.57 -1.51
CA ASN A 473 0.20 -14.77 -2.02
C ASN A 473 0.51 -15.02 -3.49
N ILE A 474 1.79 -15.28 -3.76
CA ILE A 474 2.25 -15.55 -5.10
C ILE A 474 2.59 -17.03 -5.16
N TYR A 475 1.84 -17.78 -5.97
CA TYR A 475 2.07 -19.20 -6.11
C TYR A 475 3.43 -19.48 -6.71
N ALA A 476 3.73 -18.83 -7.82
CA ALA A 476 5.00 -19.00 -8.50
C ALA A 476 5.08 -18.03 -9.66
N ALA A 477 6.20 -18.06 -10.36
CA ALA A 477 6.37 -17.20 -11.52
C ALA A 477 5.77 -17.94 -12.69
N ASN A 478 5.03 -17.22 -13.52
CA ASN A 478 4.42 -17.82 -14.69
C ASN A 478 5.59 -18.04 -15.67
N GLU A 479 5.32 -18.73 -16.77
CA GLU A 479 6.37 -18.98 -17.74
C GLU A 479 6.98 -17.67 -18.29
N ASN A 480 6.21 -16.58 -18.28
CA ASN A 480 6.72 -15.31 -18.79
C ASN A 480 7.39 -14.44 -17.71
N GLY A 481 7.47 -14.98 -16.50
CA GLY A 481 8.12 -14.28 -15.40
C GLY A 481 7.20 -13.53 -14.45
N THR A 482 5.92 -13.43 -14.77
CA THR A 482 4.99 -12.70 -13.91
C THR A 482 4.38 -13.53 -12.80
N MET A 483 3.69 -12.83 -11.91
CA MET A 483 3.04 -13.44 -10.76
C MET A 483 1.81 -14.28 -11.04
N ILE A 484 1.74 -15.43 -10.38
CA ILE A 484 0.57 -16.28 -10.47
C ILE A 484 0.00 -16.12 -9.06
N HIS A 485 -1.22 -15.59 -8.97
CA HIS A 485 -1.86 -15.34 -7.70
C HIS A 485 -2.39 -16.60 -7.03
N LEU A 486 -2.09 -16.75 -5.74
CA LEU A 486 -2.55 -17.92 -4.99
C LEU A 486 -3.85 -17.64 -4.24
N ALA A 487 -4.90 -18.38 -4.59
CA ALA A 487 -6.18 -18.23 -3.93
C ALA A 487 -6.06 -18.83 -2.52
N PRO A 488 -6.91 -18.37 -1.59
CA PRO A 488 -6.92 -18.85 -0.21
C PRO A 488 -7.09 -20.36 -0.14
N GLU A 489 -6.58 -20.96 0.93
CA GLU A 489 -6.67 -22.41 1.10
C GLU A 489 -8.11 -22.83 1.34
N ASP A 490 -8.87 -22.01 2.05
CA ASP A 490 -10.26 -22.32 2.35
C ASP A 490 -11.21 -21.47 1.51
N TYR A 491 -12.49 -21.50 1.87
CA TYR A 491 -13.50 -20.73 1.12
C TYR A 491 -13.56 -19.28 1.55
N THR A 492 -12.49 -18.55 1.23
CA THR A 492 -12.38 -17.14 1.56
C THR A 492 -12.22 -16.35 0.26
N GLY A 493 -12.80 -15.15 0.20
CA GLY A 493 -12.67 -14.33 -0.99
C GLY A 493 -11.27 -13.74 -1.06
N PHE A 494 -10.90 -13.14 -2.18
CA PHE A 494 -9.58 -12.55 -2.31
C PHE A 494 -9.53 -11.53 -3.44
N THR A 495 -8.55 -10.62 -3.37
CA THR A 495 -8.39 -9.60 -4.38
C THR A 495 -7.14 -9.81 -5.21
N ILE A 496 -7.10 -9.14 -6.35
CA ILE A 496 -5.95 -9.19 -7.25
C ILE A 496 -5.76 -7.78 -7.78
N SER A 497 -4.59 -7.20 -7.54
CA SER A 497 -4.33 -5.87 -8.03
C SER A 497 -4.26 -5.92 -9.54
N PRO A 498 -4.95 -4.98 -10.21
CA PRO A 498 -4.95 -4.94 -11.67
C PRO A 498 -3.54 -4.75 -12.20
N ILE A 499 -2.63 -4.30 -11.34
CA ILE A 499 -1.24 -4.07 -11.73
C ILE A 499 -0.48 -5.38 -11.92
N HIS A 500 -0.91 -6.41 -11.18
CA HIS A 500 -0.26 -7.71 -11.21
C HIS A 500 -0.81 -8.61 -12.30
N ALA A 501 -0.77 -8.13 -13.53
CA ALA A 501 -1.27 -8.90 -14.66
C ALA A 501 -0.23 -9.83 -15.25
N THR A 502 -0.71 -10.85 -15.95
CA THR A 502 0.19 -11.78 -16.62
C THR A 502 0.75 -11.03 -17.83
N GLN A 503 -0.14 -10.30 -18.50
CA GLN A 503 0.23 -9.51 -19.66
C GLN A 503 -0.90 -8.55 -20.03
N VAL A 504 -0.53 -7.43 -20.66
CA VAL A 504 -1.47 -6.42 -21.10
C VAL A 504 -1.05 -5.95 -22.49
N ASN A 505 -2.01 -5.79 -23.40
CA ASN A 505 -1.66 -5.29 -24.73
C ASN A 505 -1.89 -3.78 -24.74
N ASN A 506 -1.57 -3.11 -25.85
CA ASN A 506 -1.73 -1.67 -25.92
C ASN A 506 -1.01 -1.04 -24.73
N GLN A 507 0.17 -1.56 -24.40
CA GLN A 507 0.92 -1.06 -23.26
C GLN A 507 1.33 0.41 -23.35
N THR A 508 1.53 0.92 -24.57
CA THR A 508 1.93 2.31 -24.72
C THR A 508 0.79 3.26 -24.41
N ARG A 509 -0.43 2.73 -24.38
CA ARG A 509 -1.61 3.53 -24.10
C ARG A 509 -2.24 3.12 -22.76
N THR A 510 -1.49 2.38 -21.95
CA THR A 510 -1.99 1.95 -20.65
C THR A 510 -1.09 2.49 -19.54
N PHE A 511 -1.69 3.14 -18.56
CA PHE A 511 -0.90 3.74 -17.47
C PHE A 511 -1.36 3.37 -16.08
N ILE A 512 -0.42 3.40 -15.15
CA ILE A 512 -0.73 3.13 -13.76
C ILE A 512 -1.16 4.48 -13.21
N SER A 513 -2.32 4.52 -12.55
CA SER A 513 -2.86 5.77 -12.01
C SER A 513 -3.02 5.71 -10.49
N GLU A 514 -2.32 6.62 -9.81
CA GLU A 514 -2.34 6.73 -8.36
C GLU A 514 -3.74 6.73 -7.74
N LYS A 515 -3.90 6.00 -6.64
CA LYS A 515 -5.16 5.94 -5.91
C LYS A 515 -4.87 6.02 -4.40
N PHE A 516 -5.82 6.56 -3.64
CA PHE A 516 -5.62 6.70 -2.20
C PHE A 516 -6.45 5.74 -1.35
N GLY A 517 -7.58 5.29 -1.90
CA GLY A 517 -8.42 4.37 -1.14
C GLY A 517 -8.80 3.16 -1.98
N ASN A 518 -7.86 2.65 -2.76
CA ASN A 518 -8.10 1.52 -3.65
C ASN A 518 -7.16 0.33 -3.43
N GLN A 519 -6.51 0.28 -2.27
CA GLN A 519 -5.56 -0.80 -1.97
C GLN A 519 -4.51 -0.91 -3.06
N GLY A 520 -4.06 0.23 -3.55
CA GLY A 520 -3.05 0.26 -4.60
C GLY A 520 -3.53 1.09 -5.76
N ASP A 521 -2.66 1.30 -6.74
CA ASP A 521 -3.04 2.12 -7.89
C ASP A 521 -3.90 1.35 -8.88
N SER A 522 -4.50 2.08 -9.82
CA SER A 522 -5.35 1.48 -10.82
C SER A 522 -4.65 1.41 -12.17
N LEU A 523 -5.25 0.65 -13.09
CA LEU A 523 -4.71 0.51 -14.44
C LEU A 523 -5.66 1.30 -15.35
N ARG A 524 -5.15 2.36 -15.95
CA ARG A 524 -5.97 3.18 -16.83
C ARG A 524 -5.77 2.83 -18.30
N PHE A 525 -6.84 2.35 -18.93
CA PHE A 525 -6.79 1.99 -20.35
C PHE A 525 -7.22 3.22 -21.16
N GLU A 526 -6.34 3.69 -22.03
CA GLU A 526 -6.66 4.84 -22.86
C GLU A 526 -6.96 4.43 -24.29
N GLN A 527 -6.69 3.17 -24.61
CA GLN A 527 -6.95 2.63 -25.93
C GLN A 527 -8.04 1.57 -25.87
N SER A 528 -9.04 1.70 -26.73
CA SER A 528 -10.14 0.75 -26.76
C SER A 528 -9.65 -0.64 -27.16
N ASN A 529 -10.40 -1.66 -26.72
CA ASN A 529 -10.06 -3.06 -27.01
C ASN A 529 -8.72 -3.49 -26.41
N THR A 530 -8.51 -3.11 -25.16
CA THR A 530 -7.29 -3.49 -24.45
C THR A 530 -7.68 -4.67 -23.57
N THR A 531 -6.84 -5.69 -23.58
CA THR A 531 -7.08 -6.87 -22.77
C THR A 531 -5.98 -7.07 -21.75
N ALA A 532 -6.37 -7.27 -20.50
CA ALA A 532 -5.43 -7.50 -19.41
C ALA A 532 -5.68 -8.91 -18.90
N ARG A 533 -4.66 -9.76 -18.97
CA ARG A 533 -4.79 -11.12 -18.50
C ARG A 533 -4.18 -11.32 -17.12
N TYR A 534 -4.88 -12.06 -16.27
CA TYR A 534 -4.41 -12.37 -14.94
C TYR A 534 -4.47 -13.87 -14.75
N THR A 535 -3.54 -14.41 -13.97
CA THR A 535 -3.49 -15.84 -13.72
C THR A 535 -3.48 -16.13 -12.23
N LEU A 536 -4.32 -17.06 -11.81
CA LEU A 536 -4.40 -17.41 -10.41
C LEU A 536 -4.44 -18.92 -10.20
N ARG A 537 -3.99 -19.35 -9.02
CA ARG A 537 -3.97 -20.75 -8.64
C ARG A 537 -5.27 -21.02 -7.88
N GLY A 538 -6.20 -21.72 -8.50
CA GLY A 538 -7.48 -22.00 -7.86
C GLY A 538 -7.47 -22.91 -6.65
N ASN A 539 -8.56 -22.86 -5.89
CA ASN A 539 -8.69 -23.68 -4.69
C ASN A 539 -9.95 -24.55 -4.79
N GLY A 540 -10.55 -24.59 -5.97
CA GLY A 540 -11.73 -25.40 -6.18
C GLY A 540 -13.04 -24.76 -5.76
N ASN A 541 -13.01 -23.51 -5.32
CA ASN A 541 -14.24 -22.85 -4.89
C ASN A 541 -14.84 -21.92 -5.94
N SER A 542 -16.14 -21.70 -5.81
CA SER A 542 -16.85 -20.82 -6.73
C SER A 542 -17.05 -19.46 -6.08
N TYR A 543 -16.84 -18.40 -6.85
CA TYR A 543 -16.97 -17.05 -6.33
C TYR A 543 -17.71 -16.15 -7.30
N ASN A 544 -18.23 -15.04 -6.78
CA ASN A 544 -18.86 -14.04 -7.62
C ASN A 544 -17.71 -13.09 -7.90
N LEU A 545 -17.47 -12.84 -9.18
CA LEU A 545 -16.39 -11.94 -9.56
C LEU A 545 -16.92 -10.52 -9.62
N TYR A 546 -16.26 -9.62 -8.88
CA TYR A 546 -16.62 -8.22 -8.87
C TYR A 546 -15.43 -7.43 -9.39
N LEU A 547 -15.69 -6.51 -10.30
CA LEU A 547 -14.62 -5.67 -10.81
C LEU A 547 -14.88 -4.26 -10.34
N ARG A 548 -13.93 -3.71 -9.58
CA ARG A 548 -14.05 -2.35 -9.09
C ARG A 548 -13.46 -1.51 -10.22
N VAL A 549 -14.29 -0.65 -10.81
CA VAL A 549 -13.84 0.16 -11.92
C VAL A 549 -14.40 1.56 -11.89
N SER A 550 -13.80 2.44 -12.68
CA SER A 550 -14.24 3.80 -12.81
C SER A 550 -14.33 4.09 -14.31
N SER A 551 -15.45 4.64 -14.75
CA SER A 551 -15.63 4.94 -16.16
C SER A 551 -16.44 6.22 -16.32
N ILE A 552 -15.75 7.34 -16.49
CA ILE A 552 -16.43 8.61 -16.67
C ILE A 552 -16.79 8.69 -18.14
N GLY A 553 -17.75 7.85 -18.51
CA GLY A 553 -18.21 7.74 -19.88
C GLY A 553 -18.63 6.30 -20.04
N ASN A 554 -19.08 5.92 -21.23
CA ASN A 554 -19.50 4.54 -21.44
C ASN A 554 -18.37 3.62 -21.87
N SER A 555 -18.44 2.40 -21.40
CA SER A 555 -17.45 1.39 -21.71
C SER A 555 -18.10 0.02 -21.64
N THR A 556 -17.46 -0.97 -22.25
CA THR A 556 -17.99 -2.33 -22.26
C THR A 556 -16.93 -3.29 -21.73
N ILE A 557 -17.32 -4.11 -20.78
CA ILE A 557 -16.40 -5.08 -20.19
C ILE A 557 -16.71 -6.50 -20.65
N ARG A 558 -15.68 -7.19 -21.13
CA ARG A 558 -15.81 -8.57 -21.58
C ARG A 558 -14.83 -9.43 -20.80
N VAL A 559 -15.37 -10.26 -19.91
CA VAL A 559 -14.55 -11.13 -19.09
C VAL A 559 -14.62 -12.56 -19.58
N THR A 560 -13.45 -13.16 -19.79
CA THR A 560 -13.39 -14.53 -20.24
C THR A 560 -12.63 -15.36 -19.22
N ILE A 561 -13.33 -16.37 -18.69
CA ILE A 561 -12.75 -17.26 -17.69
C ILE A 561 -13.60 -18.54 -17.66
N ASN A 562 -12.94 -19.69 -17.52
CA ASN A 562 -13.64 -20.97 -17.49
C ASN A 562 -14.38 -21.21 -18.81
N GLY A 563 -13.85 -20.66 -19.89
CA GLY A 563 -14.50 -20.83 -21.18
C GLY A 563 -15.80 -20.05 -21.26
N ARG A 564 -16.08 -19.26 -20.23
CA ARG A 564 -17.30 -18.45 -20.19
C ARG A 564 -16.96 -17.01 -20.53
N VAL A 565 -17.84 -16.35 -21.27
CA VAL A 565 -17.62 -14.96 -21.65
C VAL A 565 -18.73 -14.09 -21.07
N TYR A 566 -18.39 -13.23 -20.13
CA TYR A 566 -19.37 -12.34 -19.52
C TYR A 566 -19.21 -10.95 -20.11
N THR A 567 -20.33 -10.37 -20.55
CA THR A 567 -20.30 -9.04 -21.13
C THR A 567 -21.16 -8.07 -20.35
N VAL A 568 -20.55 -6.98 -19.89
CA VAL A 568 -21.27 -5.96 -19.15
C VAL A 568 -21.19 -4.67 -19.95
N SER A 569 -22.33 -4.28 -20.52
CA SER A 569 -22.40 -3.08 -21.35
C SER A 569 -22.87 -1.85 -20.60
N ASN A 570 -22.61 -0.69 -21.19
CA ASN A 570 -23.01 0.57 -20.61
C ASN A 570 -22.44 0.78 -19.22
N VAL A 571 -21.19 0.39 -19.03
CA VAL A 571 -20.54 0.57 -17.75
C VAL A 571 -20.20 2.06 -17.67
N ASN A 572 -20.79 2.75 -16.72
CA ASN A 572 -20.55 4.17 -16.57
C ASN A 572 -20.69 4.55 -15.11
N THR A 573 -19.62 5.06 -14.52
CA THR A 573 -19.64 5.42 -13.11
C THR A 573 -19.65 6.93 -12.90
N THR A 574 -20.08 7.66 -13.92
CA THR A 574 -20.14 9.12 -13.83
C THR A 574 -20.97 9.55 -12.63
N THR A 575 -22.19 9.02 -12.55
CA THR A 575 -23.09 9.35 -11.45
C THR A 575 -23.48 8.10 -10.65
N ASN A 576 -23.41 6.93 -11.29
CA ASN A 576 -23.72 5.67 -10.63
C ASN A 576 -22.43 5.10 -10.05
N ASN A 577 -22.09 5.58 -8.86
CA ASN A 577 -20.87 5.16 -8.17
C ASN A 577 -21.11 5.11 -6.67
N ASP A 578 -20.10 4.70 -5.91
CA ASP A 578 -20.22 4.61 -4.47
C ASP A 578 -20.02 5.97 -3.82
N GLY A 579 -19.76 6.98 -4.66
CA GLY A 579 -19.59 8.34 -4.15
C GLY A 579 -18.17 8.76 -3.81
N VAL A 580 -17.22 7.82 -3.83
CA VAL A 580 -15.84 8.15 -3.51
C VAL A 580 -15.08 8.66 -4.73
N ASN A 581 -14.50 9.85 -4.62
CA ASN A 581 -13.73 10.42 -5.72
C ASN A 581 -12.27 10.23 -5.37
N ASP A 582 -11.64 9.26 -6.04
CA ASP A 582 -10.25 8.90 -5.80
C ASP A 582 -9.38 9.38 -6.95
N ASN A 583 -8.70 10.50 -6.77
CA ASN A 583 -7.83 11.05 -7.80
C ASN A 583 -8.54 11.13 -9.17
N GLY A 584 -9.81 11.52 -9.15
CA GLY A 584 -10.57 11.64 -10.39
C GLY A 584 -11.44 10.44 -10.71
N ALA A 585 -11.09 9.27 -10.17
CA ALA A 585 -11.87 8.07 -10.43
C ALA A 585 -13.06 7.97 -9.47
N ARG A 586 -14.19 7.48 -9.98
CA ARG A 586 -15.39 7.29 -9.17
C ARG A 586 -15.76 5.82 -9.34
N PHE A 587 -15.23 4.99 -8.46
CA PHE A 587 -15.44 3.57 -8.55
C PHE A 587 -16.86 3.08 -8.32
N SER A 588 -17.11 1.89 -8.87
CA SER A 588 -18.36 1.19 -8.72
C SER A 588 -17.96 -0.27 -8.85
N ASP A 589 -18.60 -1.13 -8.06
CA ASP A 589 -18.29 -2.56 -8.12
C ASP A 589 -19.25 -3.24 -9.07
N ILE A 590 -18.71 -3.76 -10.17
CA ILE A 590 -19.52 -4.44 -11.17
C ILE A 590 -19.55 -5.93 -10.93
N ASN A 591 -20.76 -6.47 -10.74
CA ASN A 591 -20.92 -7.90 -10.53
C ASN A 591 -20.85 -8.57 -11.91
N ILE A 592 -19.74 -9.24 -12.17
CA ILE A 592 -19.53 -9.91 -13.46
C ILE A 592 -20.28 -11.23 -13.51
N GLY A 593 -20.22 -11.99 -12.43
CA GLY A 593 -20.89 -13.27 -12.40
C GLY A 593 -20.14 -14.31 -11.61
N ASN A 594 -20.72 -15.51 -11.55
CA ASN A 594 -20.13 -16.62 -10.83
C ASN A 594 -19.01 -17.29 -11.61
N ILE A 595 -17.90 -17.55 -10.94
CA ILE A 595 -16.77 -18.19 -11.58
C ILE A 595 -16.21 -19.30 -10.69
N VAL A 596 -15.47 -20.22 -11.29
CA VAL A 596 -14.89 -21.32 -10.54
C VAL A 596 -13.37 -21.23 -10.53
N ALA A 597 -12.79 -21.15 -9.34
CA ALA A 597 -11.34 -21.09 -9.20
C ALA A 597 -10.83 -22.53 -9.16
N SER A 598 -10.88 -23.19 -10.32
CA SER A 598 -10.45 -24.58 -10.48
C SER A 598 -9.29 -24.95 -9.55
N ASP A 599 -9.47 -26.04 -8.79
CA ASP A 599 -8.46 -26.50 -7.84
C ASP A 599 -7.15 -26.94 -8.50
N ASN A 600 -6.04 -26.63 -7.84
CA ASN A 600 -4.71 -26.99 -8.35
C ASN A 600 -4.58 -26.70 -9.84
N THR A 601 -5.16 -25.60 -10.27
CA THR A 601 -5.12 -25.24 -11.68
C THR A 601 -4.80 -23.76 -11.86
N ASN A 602 -3.99 -23.44 -12.86
CA ASN A 602 -3.66 -22.04 -13.14
C ASN A 602 -4.77 -21.50 -14.04
N VAL A 603 -5.70 -20.77 -13.44
CA VAL A 603 -6.84 -20.20 -14.15
C VAL A 603 -6.51 -18.83 -14.73
N THR A 604 -6.87 -18.60 -15.98
CA THR A 604 -6.63 -17.32 -16.61
C THR A 604 -7.90 -16.48 -16.58
N LEU A 605 -7.74 -15.19 -16.29
CA LEU A 605 -8.85 -14.26 -16.25
C LEU A 605 -8.56 -13.16 -17.24
N ASP A 606 -9.31 -13.12 -18.33
CA ASP A 606 -9.10 -12.07 -19.33
C ASP A 606 -10.14 -10.98 -19.21
N ILE A 607 -9.66 -9.76 -19.03
CA ILE A 607 -10.53 -8.60 -18.91
C ILE A 607 -10.33 -7.69 -20.11
N ASN A 608 -11.31 -7.67 -21.01
CA ASN A 608 -11.26 -6.85 -22.21
C ASN A 608 -12.16 -5.64 -22.07
N VAL A 609 -11.63 -4.46 -22.36
CA VAL A 609 -12.41 -3.25 -22.24
C VAL A 609 -12.57 -2.50 -23.56
N THR A 610 -13.81 -2.13 -23.84
CA THR A 610 -14.15 -1.37 -25.03
C THR A 610 -14.44 0.04 -24.54
N LEU A 611 -13.73 1.02 -25.05
CA LEU A 611 -13.94 2.41 -24.65
C LEU A 611 -14.94 3.05 -25.59
N ASN A 612 -16.22 2.75 -25.39
CA ASN A 612 -17.27 3.28 -26.23
C ASN A 612 -17.19 4.80 -26.37
N SER A 613 -17.18 5.51 -25.25
CA SER A 613 -17.12 6.97 -25.28
C SER A 613 -15.75 7.54 -25.63
N GLY A 614 -14.72 6.69 -25.67
CA GLY A 614 -13.39 7.18 -25.98
C GLY A 614 -12.68 7.66 -24.73
N THR A 615 -13.43 7.82 -23.65
CA THR A 615 -12.85 8.23 -22.38
C THR A 615 -12.11 7.06 -21.75
N PRO A 616 -11.05 7.35 -20.98
CA PRO A 616 -10.24 6.31 -20.33
C PRO A 616 -11.05 5.45 -19.40
N PHE A 617 -10.53 4.25 -19.12
CA PHE A 617 -11.19 3.30 -18.23
C PHE A 617 -10.21 2.94 -17.13
N ASP A 618 -10.67 2.96 -15.89
CA ASP A 618 -9.82 2.61 -14.76
C ASP A 618 -10.20 1.25 -14.18
N LEU A 619 -9.29 0.27 -14.30
CA LEU A 619 -9.52 -1.05 -13.73
C LEU A 619 -8.89 -0.87 -12.36
N MET A 620 -9.71 -0.77 -11.32
CA MET A 620 -9.21 -0.52 -9.97
C MET A 620 -8.95 -1.71 -9.05
N ASN A 621 -9.85 -2.70 -9.06
CA ASN A 621 -9.65 -3.89 -8.23
C ASN A 621 -10.38 -5.09 -8.80
N ILE A 622 -9.84 -6.26 -8.50
CA ILE A 622 -10.42 -7.52 -8.94
C ILE A 622 -10.70 -8.27 -7.66
N MET A 623 -11.97 -8.54 -7.38
CA MET A 623 -12.28 -9.26 -6.15
C MET A 623 -13.23 -10.43 -6.31
N PHE A 624 -12.80 -11.56 -5.75
CA PHE A 624 -13.59 -12.79 -5.76
C PHE A 624 -14.24 -12.89 -4.39
N VAL A 625 -15.57 -12.93 -4.39
CA VAL A 625 -16.32 -13.00 -3.15
C VAL A 625 -17.16 -14.26 -3.09
N PRO A 626 -17.23 -14.92 -1.92
CA PRO A 626 -18.04 -16.13 -1.80
C PRO A 626 -19.44 -15.81 -2.32
N THR A 627 -19.94 -16.71 -3.16
CA THR A 627 -21.25 -16.53 -3.80
C THR A 627 -22.43 -16.26 -2.86
N ASN A 628 -22.36 -16.76 -1.63
CA ASN A 628 -23.45 -16.56 -0.69
C ASN A 628 -23.25 -15.39 0.26
N LEU A 629 -22.30 -14.51 -0.08
CA LEU A 629 -22.02 -13.35 0.74
C LEU A 629 -22.14 -12.07 -0.07
N PRO A 630 -23.37 -11.65 -0.36
CA PRO A 630 -23.55 -10.42 -1.13
C PRO A 630 -23.08 -9.20 -0.32
N PRO A 631 -22.67 -8.12 -1.01
CA PRO A 631 -22.22 -6.92 -0.30
C PRO A 631 -23.32 -6.23 0.51
N LEU A 632 -22.93 -5.49 1.55
CA LEU A 632 -23.88 -4.81 2.43
C LEU A 632 -24.73 -3.75 1.73
N TYR A 633 -24.26 -3.27 0.59
CA TYR A 633 -24.99 -2.27 -0.19
C TYR A 633 -24.45 -2.23 -1.61
#